data_9C96
#
_entry.id   9C96
#
_cell.length_a   1.00
_cell.length_b   1.00
_cell.length_c   1.00
_cell.angle_alpha   90.00
_cell.angle_beta   90.00
_cell.angle_gamma   90.00
#
_symmetry.space_group_name_H-M   'P 1'
#
loop_
_entity.id
_entity.type
_entity.pdbx_description
1 polymer 'MHC class I antigen'
2 polymer Beta-2-microglobulin
3 polymer 'Tapasin-related protein'
4 polymer LYS-ILE-LEU-GLY-PHE-VAL
#
loop_
_entity_poly.entity_id
_entity_poly.type
_entity_poly.pdbx_seq_one_letter_code
_entity_poly.pdbx_strand_id
1 'polypeptide(L)'
;MGSHSMRYFFTSVSRPGRGEPRFIAVGYVDDTQFVRFDSDAASQRMEPRAPWIEQEGPEYWDGETRKVKAHSQTHRVDLG
TLRGYYNQSEAGSHTVQRMYGCDVGSDWRFLRGYHQYAYDCKDYIALKEDLRSWTAADMAAQTTKHKWEAAHVAEQLRAY
LEGTCVEWLRRYLENGKETLQRTDAPKTHMTHHAVSDHEATLRCWALSFYPAEITLTWQRDGEDQTQDTELVETRPAGDG
TFQKWAAVVVPSGQEQRYTCHVQHEGLPKPLTLRWEP
;
A
2 'polypeptide(L)'
;IQRTPKIQVYSRHPAENGKSNFLNCYVSGFCPSDIEVDLLKNGERIEKVEHSDLSFSKDWSFYLLYYTEFTPTEKDEYAC
RVNHVTLSQPKIVKWDRD
;
B
3 'polypeptide(L)'
;KPHPAEGQWRAVDVVLDCFLVKDGAHRGALASSEDRARASLVLKQVPVLDDGSLEDFTDFQGGTLAQDDPPIIFEASVDL
VQIPQAEALLHADSSGKEVTCEIFRYFLQMTETTVKTAAWFMANVQVSGGGPSISLVMKTPRVAKNEVLWHPTLNLPLSP
QGTVRTAVEFQVMTQTQSLSFLLGSSASLDCGFSMAPGLDLISVEWRLQHLGRGQLVYSWTAGQGQAVRKGATLEPAQLG
MARDASLTLPGLTIQDEGTYICQITTSLYQAQQIIQLNIQASPKVRLSLANEALLPTLICDIAGYYPLDVVVTWTREELG
GSPAQVSGASFSSLRQSVAGTYSISSSLTAEPGSAGATYTCQVTHISLEEPLGASTQVVPPERR
;
C
4 'polypeptide(L)' KILGFVF D
#
# COMPACT_ATOMS: atom_id res chain seq x y z
N HIS A 4 -1.87 -16.67 10.92
CA HIS A 4 -0.52 -17.12 10.58
C HIS A 4 -0.28 -17.00 9.09
N SER A 5 0.86 -16.44 8.72
CA SER A 5 1.17 -16.17 7.33
C SER A 5 2.69 -16.16 7.14
N MET A 6 3.15 -16.81 6.08
CA MET A 6 4.55 -16.77 5.69
C MET A 6 4.65 -16.21 4.28
N ARG A 7 5.41 -15.13 4.12
CA ARG A 7 5.56 -14.44 2.85
C ARG A 7 7.03 -14.41 2.45
N TYR A 8 7.29 -14.50 1.15
CA TYR A 8 8.62 -14.36 0.59
C TYR A 8 8.62 -13.27 -0.46
N PHE A 9 9.53 -12.31 -0.32
CA PHE A 9 9.59 -11.15 -1.20
C PHE A 9 10.89 -11.16 -1.99
N PHE A 10 10.81 -10.77 -3.25
CA PHE A 10 11.96 -10.75 -4.15
C PHE A 10 11.88 -9.50 -5.01
N THR A 11 12.89 -8.64 -4.92
CA THR A 11 12.89 -7.35 -5.61
C THR A 11 14.22 -7.14 -6.33
N SER A 12 14.14 -6.64 -7.55
CA SER A 12 15.33 -6.29 -8.35
C SER A 12 15.26 -4.81 -8.68
N VAL A 13 15.93 -3.99 -7.88
CA VAL A 13 16.01 -2.56 -8.12
C VAL A 13 17.05 -2.33 -9.21
N SER A 14 16.59 -1.99 -10.41
CA SER A 14 17.49 -1.85 -11.55
C SER A 14 18.43 -0.66 -11.36
N ARG A 15 19.62 -0.77 -11.94
CA ARG A 15 20.64 0.27 -11.82
C ARG A 15 21.31 0.51 -13.16
N PRO A 16 21.18 1.69 -13.74
CA PRO A 16 21.98 2.02 -14.92
C PRO A 16 23.41 2.35 -14.51
N GLY A 17 24.34 2.00 -15.39
CA GLY A 17 25.75 2.20 -15.06
C GLY A 17 26.33 1.13 -14.17
N ARG A 18 25.67 0.83 -13.05
CA ARG A 18 26.12 -0.23 -12.17
C ARG A 18 26.00 -1.61 -12.83
N GLY A 19 25.08 -1.76 -13.78
CA GLY A 19 24.99 -2.97 -14.58
C GLY A 19 24.23 -4.11 -13.93
N GLU A 20 24.47 -4.36 -12.65
CA GLU A 20 23.86 -5.48 -11.96
C GLU A 20 22.68 -5.01 -11.14
N PRO A 21 21.45 -5.43 -11.48
CA PRO A 21 20.30 -5.07 -10.64
C PRO A 21 20.45 -5.63 -9.24
N ARG A 22 20.03 -4.84 -8.26
CA ARG A 22 20.13 -5.27 -6.87
C ARG A 22 19.00 -6.24 -6.54
N PHE A 23 19.32 -7.52 -6.42
CA PHE A 23 18.32 -8.51 -6.06
C PHE A 23 18.37 -8.75 -4.56
N ILE A 24 17.28 -8.39 -3.87
CA ILE A 24 17.16 -8.57 -2.43
C ILE A 24 15.95 -9.45 -2.16
N ALA A 25 16.14 -10.49 -1.36
CA ALA A 25 15.10 -11.46 -1.05
C ALA A 25 14.91 -11.55 0.44
N VAL A 26 13.65 -11.52 0.89
CA VAL A 26 13.31 -11.60 2.29
C VAL A 26 12.19 -12.61 2.47
N GLY A 27 12.16 -13.23 3.64
CA GLY A 27 11.06 -14.12 4.03
C GLY A 27 10.49 -13.67 5.37
N TYR A 28 9.17 -13.73 5.49
CA TYR A 28 8.49 -13.29 6.69
C TYR A 28 7.59 -14.40 7.22
N VAL A 29 7.52 -14.52 8.54
CA VAL A 29 6.50 -15.30 9.22
C VAL A 29 5.84 -14.41 10.25
N ASP A 30 4.53 -14.19 10.11
CA ASP A 30 3.78 -13.31 11.01
C ASP A 30 4.43 -11.94 11.10
N ASP A 31 4.80 -11.38 9.94
CA ASP A 31 5.34 -10.03 9.80
C ASP A 31 6.80 -9.94 10.27
N THR A 32 7.31 -10.98 10.93
CA THR A 32 8.68 -10.98 11.43
C THR A 32 9.59 -11.64 10.40
N GLN A 33 10.75 -11.02 10.16
CA GLN A 33 11.71 -11.54 9.19
C GLN A 33 12.47 -12.73 9.78
N PHE A 34 12.72 -13.73 8.94
CA PHE A 34 13.51 -14.89 9.36
C PHE A 34 14.58 -15.33 8.38
N VAL A 35 14.48 -15.00 7.09
CA VAL A 35 15.54 -15.26 6.13
C VAL A 35 15.71 -14.03 5.25
N ARG A 36 16.91 -13.85 4.72
CA ARG A 36 17.21 -12.71 3.87
C ARG A 36 18.37 -13.04 2.94
N PHE A 37 18.26 -12.58 1.70
CA PHE A 37 19.34 -12.63 0.74
C PHE A 37 19.51 -11.26 0.12
N ASP A 38 20.76 -10.88 -0.13
CA ASP A 38 21.06 -9.57 -0.70
C ASP A 38 22.26 -9.70 -1.61
N SER A 39 22.09 -9.31 -2.87
CA SER A 39 23.20 -9.34 -3.83
C SER A 39 24.34 -8.43 -3.41
N ASP A 40 24.05 -7.35 -2.71
CA ASP A 40 25.07 -6.41 -2.26
C ASP A 40 25.73 -6.83 -0.95
N ALA A 41 25.29 -7.93 -0.34
CA ALA A 41 25.88 -8.38 0.90
C ALA A 41 27.30 -8.88 0.69
N ALA A 42 28.06 -8.96 1.78
CA ALA A 42 29.44 -9.39 1.68
C ALA A 42 29.56 -10.81 1.16
N SER A 43 28.70 -11.71 1.62
CA SER A 43 28.69 -13.10 1.17
C SER A 43 27.40 -13.35 0.41
N GLN A 44 27.53 -13.89 -0.80
CA GLN A 44 26.38 -14.11 -1.68
C GLN A 44 25.64 -15.39 -1.27
N ARG A 45 25.18 -15.40 -0.01
CA ARG A 45 24.42 -16.51 0.54
C ARG A 45 23.34 -15.97 1.45
N MET A 46 22.20 -16.67 1.50
CA MET A 46 21.10 -16.23 2.33
C MET A 46 21.33 -16.58 3.79
N GLU A 47 20.89 -15.70 4.67
CA GLU A 47 21.23 -15.79 6.08
C GLU A 47 19.96 -15.94 6.92
N PRO A 48 20.08 -16.50 8.13
CA PRO A 48 18.97 -16.43 9.08
C PRO A 48 18.91 -15.06 9.74
N ARG A 49 17.68 -14.55 9.91
CA ARG A 49 17.46 -13.30 10.62
C ARG A 49 16.56 -13.51 11.83
N ALA A 50 16.27 -14.76 12.17
CA ALA A 50 15.51 -15.12 13.36
C ALA A 50 16.23 -16.27 14.05
N PRO A 51 16.14 -16.35 15.38
CA PRO A 51 16.86 -17.42 16.09
C PRO A 51 16.17 -18.77 16.01
N TRP A 52 14.93 -18.83 15.55
CA TRP A 52 14.19 -20.08 15.48
C TRP A 52 14.43 -20.86 14.19
N ILE A 53 15.24 -20.35 13.27
CA ILE A 53 15.57 -21.08 12.05
C ILE A 53 17.06 -21.34 11.89
N GLU A 54 17.90 -20.81 12.79
CA GLU A 54 19.32 -21.15 12.77
C GLU A 54 19.55 -22.62 13.09
N GLN A 55 18.56 -23.30 13.67
CA GLN A 55 18.69 -24.70 14.02
C GLN A 55 18.72 -25.61 12.81
N GLU A 56 18.26 -25.15 11.65
CA GLU A 56 18.21 -26.00 10.46
C GLU A 56 19.62 -26.37 10.01
N GLY A 57 19.76 -27.58 9.46
CA GLY A 57 21.04 -28.10 9.08
C GLY A 57 21.65 -27.37 7.90
N PRO A 58 22.93 -27.64 7.62
CA PRO A 58 23.58 -27.00 6.48
C PRO A 58 22.93 -27.33 5.15
N GLU A 59 22.31 -28.52 5.03
CA GLU A 59 21.62 -28.87 3.79
C GLU A 59 20.44 -27.94 3.54
N TYR A 60 19.84 -27.41 4.60
CA TYR A 60 18.74 -26.46 4.44
C TYR A 60 19.21 -25.19 3.74
N TRP A 61 20.28 -24.57 4.26
CA TRP A 61 20.74 -23.30 3.71
C TRP A 61 21.20 -23.46 2.25
N ASP A 62 22.10 -24.42 2.01
CA ASP A 62 22.57 -24.64 0.65
C ASP A 62 21.41 -25.04 -0.27
N GLY A 63 20.43 -25.76 0.27
CA GLY A 63 19.24 -26.05 -0.49
C GLY A 63 18.42 -24.80 -0.77
N GLU A 64 18.33 -23.91 0.22
CA GLU A 64 17.59 -22.67 0.03
C GLU A 64 18.38 -21.69 -0.82
N THR A 65 19.70 -21.60 -0.62
CA THR A 65 20.51 -20.60 -1.32
C THR A 65 20.51 -20.83 -2.82
N ARG A 66 20.57 -22.09 -3.25
CA ARG A 66 20.56 -22.37 -4.69
C ARG A 66 19.23 -22.01 -5.33
N LYS A 67 18.13 -22.09 -4.57
CA LYS A 67 16.83 -21.75 -5.14
C LYS A 67 16.67 -20.25 -5.31
N VAL A 68 17.26 -19.47 -4.42
CA VAL A 68 17.22 -18.01 -4.53
C VAL A 68 18.03 -17.55 -5.73
N LYS A 69 19.16 -18.20 -6.00
CA LYS A 69 19.97 -17.85 -7.16
C LYS A 69 19.19 -18.04 -8.45
N ALA A 70 18.42 -19.13 -8.55
CA ALA A 70 17.61 -19.35 -9.75
C ALA A 70 16.54 -18.29 -9.91
N HIS A 71 15.93 -17.86 -8.80
CA HIS A 71 14.90 -16.82 -8.87
C HIS A 71 15.47 -15.47 -9.26
N SER A 72 16.75 -15.23 -8.96
CA SER A 72 17.38 -13.97 -9.39
C SER A 72 17.47 -13.90 -10.91
N GLN A 73 17.77 -15.02 -11.55
CA GLN A 73 17.90 -15.02 -13.01
C GLN A 73 16.54 -14.89 -13.69
N THR A 74 15.50 -15.47 -13.10
CA THR A 74 14.17 -15.45 -13.68
C THR A 74 13.20 -14.57 -12.92
N HIS A 75 13.67 -13.45 -12.38
CA HIS A 75 12.79 -12.54 -11.64
C HIS A 75 11.76 -11.90 -12.55
N ARG A 76 12.17 -11.49 -13.75
CA ARG A 76 11.28 -10.91 -14.75
C ARG A 76 11.29 -11.71 -16.05
N VAL A 77 11.14 -13.04 -15.94
CA VAL A 77 11.29 -13.90 -17.10
C VAL A 77 10.20 -13.64 -18.14
N ASP A 78 8.95 -13.53 -17.70
CA ASP A 78 7.82 -13.37 -18.61
C ASP A 78 7.23 -11.96 -18.57
N LEU A 79 7.81 -11.07 -17.77
CA LEU A 79 7.32 -9.70 -17.68
C LEU A 79 7.81 -8.87 -18.86
N SER A 93 15.53 3.53 -12.87
CA SER A 93 15.48 2.82 -11.60
C SER A 93 14.25 1.92 -11.53
N HIS A 94 14.06 1.11 -12.57
CA HIS A 94 12.91 0.22 -12.65
C HIS A 94 12.95 -0.82 -11.54
N THR A 95 11.90 -0.87 -10.74
CA THR A 95 11.80 -1.79 -9.61
C THR A 95 10.77 -2.85 -9.95
N VAL A 96 11.20 -4.11 -9.96
CA VAL A 96 10.32 -5.24 -10.18
C VAL A 96 10.20 -6.01 -8.88
N GLN A 97 8.97 -6.19 -8.39
CA GLN A 97 8.72 -6.80 -7.11
C GLN A 97 7.94 -8.09 -7.28
N ARG A 98 8.23 -9.07 -6.43
CA ARG A 98 7.55 -10.35 -6.42
C ARG A 98 7.14 -10.68 -5.00
N MET A 99 6.03 -11.39 -4.86
CA MET A 99 5.57 -11.85 -3.56
C MET A 99 4.82 -13.16 -3.73
N TYR A 100 4.99 -14.05 -2.77
CA TYR A 100 4.13 -15.22 -2.66
C TYR A 100 4.07 -15.65 -1.20
N GLY A 101 3.05 -16.43 -0.87
CA GLY A 101 2.88 -16.86 0.50
C GLY A 101 1.52 -17.49 0.70
N CYS A 102 1.24 -17.77 1.96
CA CYS A 102 0.01 -18.45 2.36
C CYS A 102 -0.42 -17.95 3.73
N ASP A 103 -1.74 -18.00 3.97
CA ASP A 103 -2.32 -17.62 5.24
C ASP A 103 -2.92 -18.86 5.90
N VAL A 104 -2.86 -18.89 7.24
CA VAL A 104 -3.29 -20.05 8.01
C VAL A 104 -4.02 -19.59 9.27
N GLY A 105 -5.12 -20.28 9.61
CA GLY A 105 -5.82 -20.02 10.84
C GLY A 105 -5.38 -20.93 11.97
N SER A 106 -5.98 -20.74 13.15
CA SER A 106 -5.57 -21.49 14.33
C SER A 106 -5.77 -22.99 14.18
N ASP A 107 -6.63 -23.43 13.27
CA ASP A 107 -6.73 -24.83 12.91
C ASP A 107 -5.42 -25.33 12.30
N TRP A 108 -4.61 -24.43 11.74
CA TRP A 108 -3.45 -24.76 10.93
C TRP A 108 -3.88 -25.42 9.63
N ARG A 109 -4.86 -24.79 8.98
CA ARG A 109 -5.35 -25.20 7.68
C ARG A 109 -5.32 -23.99 6.74
N PHE A 110 -5.24 -24.27 5.44
CA PHE A 110 -5.05 -23.22 4.46
C PHE A 110 -6.23 -22.25 4.43
N LEU A 111 -5.92 -20.95 4.50
CA LEU A 111 -6.92 -19.90 4.32
C LEU A 111 -6.87 -19.26 2.94
N ARG A 112 -5.71 -18.72 2.57
CA ARG A 112 -5.58 -17.91 1.36
C ARG A 112 -4.12 -17.91 0.92
N GLY A 113 -3.91 -18.01 -0.39
CA GLY A 113 -2.58 -18.05 -0.95
C GLY A 113 -2.34 -16.97 -2.00
N TYR A 114 -1.17 -16.34 -1.95
CA TYR A 114 -0.86 -15.20 -2.81
C TYR A 114 0.33 -15.50 -3.70
N HIS A 115 0.33 -14.88 -4.88
CA HIS A 115 1.47 -14.83 -5.78
C HIS A 115 1.32 -13.60 -6.66
N GLN A 116 2.07 -12.56 -6.38
CA GLN A 116 1.80 -11.26 -6.98
C GLN A 116 3.09 -10.64 -7.49
N TYR A 117 2.94 -9.71 -8.43
CA TYR A 117 4.02 -8.93 -8.99
C TYR A 117 3.63 -7.45 -9.05
N ALA A 118 4.64 -6.59 -9.03
CA ALA A 118 4.44 -5.16 -9.19
C ALA A 118 5.54 -4.60 -10.07
N TYR A 119 5.19 -3.61 -10.89
CA TYR A 119 6.14 -2.87 -11.71
C TYR A 119 6.21 -1.46 -11.16
N ASP A 120 7.32 -1.13 -10.50
CA ASP A 120 7.47 0.14 -9.80
C ASP A 120 6.34 0.36 -8.80
N CYS A 121 6.01 -0.72 -8.07
CA CYS A 121 5.02 -0.76 -6.99
C CYS A 121 3.59 -0.53 -7.49
N LYS A 122 3.36 -0.60 -8.78
CA LYS A 122 2.01 -0.65 -9.30
C LYS A 122 1.67 -2.10 -9.61
N ASP A 123 0.48 -2.53 -9.19
CA ASP A 123 0.07 -3.91 -9.40
C ASP A 123 0.18 -4.28 -10.86
N TYR A 124 0.83 -5.41 -11.13
CA TYR A 124 1.09 -5.85 -12.49
C TYR A 124 0.33 -7.13 -12.82
N ILE A 125 0.57 -8.21 -12.07
CA ILE A 125 -0.15 -9.45 -12.29
C ILE A 125 -0.25 -10.19 -10.97
N ALA A 126 -1.49 -10.39 -10.49
CA ALA A 126 -1.72 -10.91 -9.14
C ALA A 126 -2.63 -12.12 -9.22
N LEU A 127 -2.36 -13.10 -8.35
CA LEU A 127 -3.16 -14.32 -8.31
C LEU A 127 -4.44 -14.08 -7.53
N LYS A 128 -5.56 -14.56 -8.07
CA LYS A 128 -6.87 -14.24 -7.51
C LYS A 128 -7.05 -14.89 -6.13
N GLU A 129 -8.17 -14.53 -5.48
CA GLU A 129 -8.49 -15.09 -4.18
C GLU A 129 -8.61 -16.61 -4.27
N ASP A 130 -9.30 -17.11 -5.28
CA ASP A 130 -9.20 -18.50 -5.69
C ASP A 130 -7.88 -18.66 -6.44
N LEU A 131 -7.09 -19.66 -6.05
CA LEU A 131 -5.74 -19.83 -6.57
C LEU A 131 -5.77 -20.47 -7.96
N ARG A 132 -6.48 -19.83 -8.87
CA ARG A 132 -6.68 -20.36 -10.21
C ARG A 132 -6.46 -19.37 -11.34
N SER A 133 -6.57 -18.07 -11.10
CA SER A 133 -6.51 -17.10 -12.19
C SER A 133 -5.79 -15.86 -11.72
N TRP A 134 -5.37 -15.04 -12.70
CA TRP A 134 -4.54 -13.88 -12.47
C TRP A 134 -5.30 -12.61 -12.81
N THR A 135 -5.01 -11.54 -12.06
CA THR A 135 -5.66 -10.25 -12.26
C THR A 135 -4.62 -9.26 -12.76
N ALA A 136 -4.61 -9.03 -14.07
CA ALA A 136 -3.67 -8.08 -14.68
C ALA A 136 -4.18 -6.67 -14.43
N ALA A 137 -3.52 -5.94 -13.55
CA ALA A 137 -3.89 -4.57 -13.24
C ALA A 137 -3.22 -3.56 -14.16
N ASP A 138 -2.37 -4.01 -15.07
CA ASP A 138 -1.75 -3.15 -16.07
C ASP A 138 -2.02 -3.72 -17.45
N MET A 139 -2.29 -2.85 -18.41
CA MET A 139 -2.56 -3.31 -19.77
C MET A 139 -1.34 -3.97 -20.39
N ALA A 140 -0.13 -3.56 -19.97
CA ALA A 140 1.08 -4.19 -20.47
C ALA A 140 1.23 -5.60 -19.94
N ALA A 141 0.50 -5.94 -18.89
CA ALA A 141 0.65 -7.21 -18.20
C ALA A 141 -0.27 -8.30 -18.71
N GLN A 142 -1.08 -8.04 -19.73
CA GLN A 142 -2.09 -9.01 -20.14
C GLN A 142 -1.48 -10.12 -20.99
N THR A 143 -0.37 -9.85 -21.68
CA THR A 143 0.38 -10.93 -22.32
C THR A 143 0.99 -11.86 -21.28
N THR A 144 1.46 -11.30 -20.16
CA THR A 144 1.95 -12.13 -19.06
C THR A 144 0.87 -13.09 -18.59
N LYS A 145 -0.36 -12.59 -18.44
CA LYS A 145 -1.47 -13.44 -18.05
C LYS A 145 -1.75 -14.50 -19.11
N HIS A 146 -1.79 -14.09 -20.38
CA HIS A 146 -2.06 -15.04 -21.46
C HIS A 146 -0.98 -16.12 -21.50
N LYS A 147 0.24 -15.77 -21.15
CA LYS A 147 1.33 -16.75 -21.13
C LYS A 147 1.17 -17.72 -19.98
N TRP A 148 0.90 -17.21 -18.77
CA TRP A 148 0.89 -18.07 -17.59
C TRP A 148 -0.29 -19.02 -17.59
N GLU A 149 -1.50 -18.53 -17.85
CA GLU A 149 -2.66 -19.41 -17.86
C GLU A 149 -2.59 -20.44 -18.98
N ALA A 150 -1.78 -20.19 -20.02
CA ALA A 150 -1.50 -21.22 -21.01
C ALA A 150 -0.43 -22.19 -20.52
N ALA A 151 0.47 -21.72 -19.65
CA ALA A 151 1.49 -22.56 -19.05
C ALA A 151 1.02 -23.26 -17.78
N HIS A 152 -0.20 -22.96 -17.32
CA HIS A 152 -0.77 -23.58 -16.13
C HIS A 152 0.08 -23.31 -14.89
N VAL A 153 0.62 -22.10 -14.77
CA VAL A 153 1.41 -21.74 -13.59
C VAL A 153 0.55 -21.76 -12.33
N ALA A 154 -0.76 -21.53 -12.49
CA ALA A 154 -1.64 -21.52 -11.33
C ALA A 154 -1.71 -22.88 -10.66
N GLU A 155 -1.88 -23.95 -11.45
CA GLU A 155 -1.96 -25.28 -10.88
C GLU A 155 -0.68 -25.67 -10.17
N GLN A 156 0.46 -25.36 -10.77
CA GLN A 156 1.75 -25.69 -10.15
C GLN A 156 1.97 -24.87 -8.88
N LEU A 157 1.46 -23.63 -8.87
CA LEU A 157 1.54 -22.81 -7.67
C LEU A 157 0.52 -23.23 -6.62
N ARG A 158 -0.63 -23.75 -7.06
CA ARG A 158 -1.63 -24.21 -6.11
C ARG A 158 -1.11 -25.38 -5.27
N ALA A 159 -0.30 -26.25 -5.88
CA ALA A 159 0.28 -27.35 -5.12
C ALA A 159 1.23 -26.85 -4.04
N TYR A 160 2.04 -25.83 -4.36
CA TYR A 160 3.01 -25.33 -3.40
C TYR A 160 2.34 -24.55 -2.27
N LEU A 161 1.38 -23.69 -2.61
CA LEU A 161 0.75 -22.87 -1.59
C LEU A 161 -0.15 -23.70 -0.68
N GLU A 162 -0.93 -24.61 -1.26
CA GLU A 162 -1.81 -25.45 -0.46
C GLU A 162 -1.05 -26.57 0.22
N GLY A 163 0.02 -27.07 -0.41
CA GLY A 163 0.78 -28.15 0.17
C GLY A 163 2.05 -27.78 0.93
N THR A 164 2.96 -27.04 0.28
CA THR A 164 4.30 -26.89 0.80
C THR A 164 4.43 -25.64 1.67
N CYS A 165 3.78 -24.55 1.27
CA CYS A 165 3.87 -23.32 2.05
C CYS A 165 3.30 -23.52 3.46
N VAL A 166 2.17 -24.22 3.56
CA VAL A 166 1.56 -24.42 4.87
C VAL A 166 2.38 -25.35 5.72
N GLU A 167 2.92 -26.43 5.14
CA GLU A 167 3.61 -27.44 5.92
C GLU A 167 4.83 -26.87 6.62
N TRP A 168 5.68 -26.12 5.91
CA TRP A 168 6.84 -25.53 6.54
C TRP A 168 6.44 -24.41 7.48
N LEU A 169 5.33 -23.72 7.19
CA LEU A 169 4.81 -22.74 8.14
C LEU A 169 4.40 -23.42 9.44
N ARG A 170 3.82 -24.62 9.36
CA ARG A 170 3.53 -25.39 10.57
C ARG A 170 4.81 -25.76 11.30
N ARG A 171 5.83 -26.20 10.56
CA ARG A 171 7.11 -26.54 11.17
C ARG A 171 7.76 -25.30 11.76
N TYR A 172 7.73 -24.17 11.04
CA TYR A 172 8.25 -22.92 11.57
C TYR A 172 7.47 -22.50 12.81
N LEU A 173 6.15 -22.71 12.80
CA LEU A 173 5.34 -22.40 13.98
C LEU A 173 5.72 -23.29 15.15
N GLU A 174 6.00 -24.57 14.90
CA GLU A 174 6.50 -25.44 15.96
C GLU A 174 7.89 -25.05 16.41
N ASN A 175 8.77 -24.74 15.45
CA ASN A 175 10.15 -24.37 15.80
C ASN A 175 10.19 -23.07 16.59
N GLY A 176 9.36 -22.10 16.20
CA GLY A 176 9.36 -20.81 16.87
C GLY A 176 8.10 -20.56 17.67
N LYS A 177 7.58 -21.61 18.32
CA LYS A 177 6.38 -21.44 19.13
C LYS A 177 6.60 -20.45 20.26
N GLU A 178 7.84 -20.35 20.77
CA GLU A 178 8.15 -19.31 21.75
C GLU A 178 8.09 -17.92 21.13
N THR A 179 8.05 -17.82 19.81
CA THR A 179 8.08 -16.55 19.10
C THR A 179 6.78 -16.26 18.35
N LEU A 180 6.36 -17.17 17.48
CA LEU A 180 5.24 -16.89 16.59
C LEU A 180 3.89 -16.92 17.30
N GLN A 181 3.69 -17.85 18.22
CA GLN A 181 2.45 -17.93 19.00
C GLN A 181 2.57 -17.23 20.35
N ARG A 182 3.38 -16.16 20.42
CA ARG A 182 3.66 -15.52 21.70
C ARG A 182 2.41 -14.90 22.32
N THR A 183 1.53 -14.35 21.48
CA THR A 183 0.19 -13.86 21.87
C THR A 183 0.24 -12.95 23.10
N ASP A 184 1.17 -12.00 23.06
CA ASP A 184 1.30 -11.01 24.13
C ASP A 184 0.05 -10.13 24.18
N ALA A 185 -0.43 -9.85 25.39
CA ALA A 185 -1.57 -8.96 25.54
C ALA A 185 -1.12 -7.51 25.45
N PRO A 186 -1.97 -6.62 24.94
CA PRO A 186 -1.60 -5.21 24.81
C PRO A 186 -1.52 -4.52 26.16
N LYS A 187 -0.41 -3.85 26.41
CA LYS A 187 -0.26 -3.01 27.61
C LYS A 187 -0.91 -1.66 27.31
N THR A 188 -2.11 -1.47 27.84
CA THR A 188 -3.06 -0.48 27.33
C THR A 188 -3.13 0.73 28.25
N HIS A 189 -3.19 1.92 27.65
CA HIS A 189 -3.38 3.17 28.38
C HIS A 189 -4.51 3.96 27.75
N MET A 190 -4.93 5.00 28.47
CA MET A 190 -5.89 5.98 27.97
C MET A 190 -5.31 7.36 28.20
N THR A 191 -5.07 8.09 27.10
CA THR A 191 -4.47 9.41 27.17
C THR A 191 -5.46 10.45 26.69
N HIS A 192 -5.58 11.52 27.46
CA HIS A 192 -6.51 12.61 27.19
C HIS A 192 -5.71 13.89 26.95
N HIS A 193 -6.01 14.57 25.84
CA HIS A 193 -5.30 15.79 25.46
C HIS A 193 -6.33 16.85 25.13
N ALA A 194 -6.17 18.05 25.69
CA ALA A 194 -7.06 19.16 25.43
C ALA A 194 -6.52 19.96 24.25
N VAL A 195 -7.14 19.75 23.08
CA VAL A 195 -6.73 20.48 21.89
C VAL A 195 -7.29 21.90 21.86
N SER A 196 -8.39 22.15 22.54
CA SER A 196 -9.03 23.47 22.54
C SER A 196 -9.89 23.58 23.79
N ASP A 197 -10.40 24.79 24.03
CA ASP A 197 -11.25 24.99 25.20
C ASP A 197 -12.58 24.26 25.06
N HIS A 198 -13.10 24.12 23.84
CA HIS A 198 -14.42 23.56 23.64
C HIS A 198 -14.40 22.08 23.26
N GLU A 199 -13.24 21.53 22.92
CA GLU A 199 -13.17 20.12 22.54
C GLU A 199 -11.83 19.56 22.98
N ALA A 200 -11.76 18.23 23.06
CA ALA A 200 -10.55 17.52 23.44
C ALA A 200 -10.50 16.20 22.70
N THR A 201 -9.32 15.59 22.70
CA THR A 201 -9.12 14.31 22.05
C THR A 201 -8.81 13.24 23.11
N LEU A 202 -9.50 12.12 23.00
CA LEU A 202 -9.26 10.97 23.87
C LEU A 202 -8.52 9.91 23.06
N ARG A 203 -7.34 9.54 23.52
CA ARG A 203 -6.48 8.60 22.82
C ARG A 203 -6.31 7.35 23.67
N CYS A 204 -6.63 6.19 23.10
CA CYS A 204 -6.45 4.90 23.76
C CYS A 204 -5.33 4.14 23.08
N TRP A 205 -4.37 3.67 23.88
CA TRP A 205 -3.11 3.14 23.38
C TRP A 205 -3.11 1.62 23.47
N ALA A 206 -2.46 0.98 22.49
CA ALA A 206 -2.22 -0.46 22.52
C ALA A 206 -0.72 -0.68 22.33
N LEU A 207 -0.02 -1.04 23.42
CA LEU A 207 1.43 -1.09 23.42
C LEU A 207 1.91 -2.51 23.72
N SER A 208 3.02 -2.87 23.09
CA SER A 208 3.74 -4.12 23.35
C SER A 208 2.86 -5.35 23.15
N PHE A 209 2.00 -5.35 22.15
CA PHE A 209 1.15 -6.50 21.90
C PHE A 209 1.66 -7.30 20.71
N TYR A 210 1.15 -8.53 20.59
CA TYR A 210 1.50 -9.43 19.50
C TYR A 210 0.41 -10.48 19.43
N PRO A 211 -0.11 -10.82 18.25
CA PRO A 211 0.25 -10.36 16.90
C PRO A 211 -0.11 -8.90 16.63
N ALA A 212 0.18 -8.40 15.43
CA ALA A 212 -0.10 -7.01 15.11
C ALA A 212 -1.59 -6.72 14.97
N GLU A 213 -2.42 -7.75 14.79
CA GLU A 213 -3.83 -7.55 14.53
C GLU A 213 -4.55 -7.14 15.81
N ILE A 214 -5.10 -5.92 15.81
CA ILE A 214 -5.83 -5.40 16.96
C ILE A 214 -6.92 -4.48 16.44
N THR A 215 -8.01 -4.39 17.19
CA THR A 215 -9.13 -3.52 16.85
C THR A 215 -9.38 -2.57 18.01
N LEU A 216 -9.32 -1.27 17.72
CA LEU A 216 -9.64 -0.23 18.68
C LEU A 216 -10.81 0.58 18.13
N THR A 217 -11.97 0.46 18.76
CA THR A 217 -13.19 1.09 18.29
C THR A 217 -13.73 2.01 19.37
N TRP A 218 -14.24 3.16 18.96
CA TRP A 218 -14.81 4.12 19.89
C TRP A 218 -16.33 4.05 19.84
N GLN A 219 -16.96 4.25 21.00
CA GLN A 219 -18.40 4.32 21.11
C GLN A 219 -18.79 5.48 22.01
N ARG A 220 -19.83 6.20 21.60
CA ARG A 220 -20.48 7.21 22.44
C ARG A 220 -21.79 6.62 22.94
N ASP A 221 -21.99 6.63 24.26
CA ASP A 221 -23.21 6.14 24.88
C ASP A 221 -23.56 4.72 24.43
N GLY A 222 -22.55 3.96 24.01
CA GLY A 222 -22.76 2.60 23.57
C GLY A 222 -23.07 2.41 22.11
N GLU A 223 -22.86 3.43 21.27
CA GLU A 223 -23.04 3.30 19.83
C GLU A 223 -21.79 3.83 19.14
N ASP A 224 -21.47 3.22 18.00
CA ASP A 224 -20.18 3.46 17.35
C ASP A 224 -20.04 4.92 16.93
N GLN A 225 -18.79 5.39 16.93
CA GLN A 225 -18.44 6.77 16.62
C GLN A 225 -17.37 6.83 15.54
N THR A 226 -17.58 6.10 14.44
CA THR A 226 -16.57 6.04 13.38
C THR A 226 -16.38 7.38 12.69
N GLN A 227 -17.44 8.17 12.54
CA GLN A 227 -17.40 9.36 11.70
C GLN A 227 -16.47 10.46 12.22
N ASP A 228 -16.15 10.48 13.51
CA ASP A 228 -15.30 11.52 14.07
C ASP A 228 -14.06 10.96 14.75
N THR A 229 -13.66 9.73 14.41
CA THR A 229 -12.55 9.05 15.05
C THR A 229 -11.37 8.95 14.08
N GLU A 230 -10.19 9.37 14.54
CA GLU A 230 -8.95 9.17 13.82
C GLU A 230 -8.13 8.10 14.51
N LEU A 231 -7.12 7.60 13.80
CA LEU A 231 -6.27 6.54 14.32
C LEU A 231 -4.96 6.57 13.55
N VAL A 232 -4.07 5.65 13.91
CA VAL A 232 -2.80 5.48 13.23
C VAL A 232 -2.57 3.98 13.04
N GLU A 233 -1.94 3.62 11.92
CA GLU A 233 -1.72 2.21 11.62
C GLU A 233 -0.73 1.62 12.61
N THR A 234 -0.81 0.30 12.79
CA THR A 234 0.01 -0.39 13.78
C THR A 234 1.50 -0.15 13.51
N ARG A 235 2.24 0.19 14.57
CA ARG A 235 3.64 0.57 14.51
C ARG A 235 4.51 -0.54 15.05
N PRO A 236 5.40 -1.12 14.26
CA PRO A 236 6.37 -2.07 14.81
C PRO A 236 7.29 -1.39 15.81
N ALA A 237 7.41 -2.00 16.98
CA ALA A 237 8.35 -1.50 17.98
C ALA A 237 9.71 -2.16 17.79
N GLY A 238 10.72 -1.58 18.44
CA GLY A 238 12.06 -2.15 18.37
C GLY A 238 12.19 -3.47 19.10
N ASP A 239 11.33 -3.72 20.08
CA ASP A 239 11.33 -4.98 20.84
C ASP A 239 11.01 -6.17 19.94
N GLY A 240 10.10 -6.01 18.99
CA GLY A 240 9.49 -7.12 18.30
C GLY A 240 7.99 -7.19 18.47
N THR A 241 7.43 -6.37 19.36
CA THR A 241 6.00 -6.20 19.51
C THR A 241 5.53 -5.00 18.70
N PHE A 242 4.29 -4.59 18.90
CA PHE A 242 3.67 -3.56 18.07
C PHE A 242 2.97 -2.53 18.94
N GLN A 243 2.66 -1.38 18.32
CA GLN A 243 1.98 -0.28 18.97
C GLN A 243 0.85 0.22 18.08
N LYS A 244 -0.14 0.85 18.71
CA LYS A 244 -1.23 1.49 17.98
C LYS A 244 -2.00 2.38 18.93
N TRP A 245 -2.61 3.44 18.37
CA TRP A 245 -3.56 4.25 19.11
C TRP A 245 -4.65 4.72 18.17
N ALA A 246 -5.82 4.98 18.75
CA ALA A 246 -6.94 5.58 18.05
C ALA A 246 -7.49 6.70 18.93
N ALA A 247 -7.83 7.82 18.30
CA ALA A 247 -8.28 8.99 19.05
C ALA A 247 -9.61 9.50 18.49
N VAL A 248 -10.45 9.99 19.38
CA VAL A 248 -11.71 10.61 19.03
C VAL A 248 -11.71 12.01 19.61
N VAL A 249 -12.44 12.91 18.98
CA VAL A 249 -12.57 14.29 19.43
C VAL A 249 -13.90 14.44 20.15
N VAL A 250 -13.85 14.82 21.43
CA VAL A 250 -15.05 14.93 22.25
C VAL A 250 -15.30 16.40 22.55
N PRO A 251 -16.56 16.81 22.73
CA PRO A 251 -16.88 18.24 22.94
C PRO A 251 -16.81 18.65 24.41
N SER A 252 -15.69 18.39 25.06
CA SER A 252 -15.50 18.79 26.45
C SER A 252 -14.03 18.73 26.83
N GLN A 256 -17.87 14.57 29.15
CA GLN A 256 -18.40 13.66 28.13
C GLN A 256 -17.63 12.34 28.14
N ARG A 257 -18.35 11.23 28.30
CA ARG A 257 -17.73 9.92 28.52
C ARG A 257 -17.89 9.04 27.28
N TYR A 258 -16.75 8.65 26.72
CA TYR A 258 -16.69 7.72 25.60
C TYR A 258 -15.81 6.53 25.95
N THR A 259 -16.03 5.42 25.27
CA THR A 259 -15.35 4.17 25.60
C THR A 259 -14.55 3.67 24.40
N CYS A 260 -13.31 3.27 24.65
CA CYS A 260 -12.47 2.63 23.65
C CYS A 260 -12.47 1.12 23.86
N HIS A 261 -12.96 0.39 22.88
CA HIS A 261 -12.98 -1.07 22.95
C HIS A 261 -11.71 -1.62 22.34
N VAL A 262 -10.98 -2.40 23.13
CA VAL A 262 -9.72 -3.02 22.71
C VAL A 262 -9.99 -4.51 22.55
N GLN A 263 -9.69 -5.05 21.37
CA GLN A 263 -9.94 -6.45 21.06
C GLN A 263 -8.66 -7.07 20.51
N HIS A 264 -8.02 -7.93 21.31
CA HIS A 264 -6.80 -8.59 20.91
C HIS A 264 -6.90 -10.06 21.26
N GLU A 265 -6.10 -10.88 20.58
CA GLU A 265 -6.10 -12.32 20.84
C GLU A 265 -5.63 -12.63 22.24
N GLY A 266 -4.75 -11.81 22.81
CA GLY A 266 -4.20 -12.06 24.12
C GLY A 266 -5.10 -11.68 25.27
N LEU A 267 -6.34 -11.28 24.99
CA LEU A 267 -7.28 -10.87 26.02
C LEU A 267 -8.44 -11.85 26.13
N PRO A 268 -8.72 -12.36 27.34
CA PRO A 268 -9.93 -13.19 27.50
C PRO A 268 -11.20 -12.45 27.17
N LYS A 269 -11.28 -11.17 27.51
CA LYS A 269 -12.45 -10.34 27.27
C LYS A 269 -12.01 -9.01 26.67
N PRO A 270 -12.73 -8.48 25.68
CA PRO A 270 -12.42 -7.15 25.17
C PRO A 270 -12.52 -6.10 26.27
N LEU A 271 -11.57 -5.17 26.27
CA LEU A 271 -11.53 -4.16 27.31
C LEU A 271 -12.38 -2.95 26.93
N THR A 272 -12.88 -2.26 27.96
CA THR A 272 -13.56 -0.99 27.81
C THR A 272 -12.85 0.03 28.69
N LEU A 273 -12.43 1.14 28.08
CA LEU A 273 -11.64 2.15 28.77
C LEU A 273 -12.47 3.41 28.97
N ARG A 274 -12.19 4.12 30.06
CA ARG A 274 -12.85 5.38 30.34
C ARG A 274 -11.84 6.33 30.95
N TRP A 275 -12.04 7.62 30.69
CA TRP A 275 -11.13 8.65 31.18
C TRP A 275 -11.33 8.89 32.67
N ILE B 1 4.69 3.69 -10.39
CA ILE B 1 4.17 4.93 -9.81
C ILE B 1 4.85 5.19 -8.46
N GLN B 2 5.15 6.46 -8.19
CA GLN B 2 5.83 6.81 -6.95
C GLN B 2 4.81 7.16 -5.87
N ARG B 3 5.08 6.71 -4.65
CA ARG B 3 4.15 6.84 -3.54
C ARG B 3 4.86 7.50 -2.36
N THR B 4 4.22 8.52 -1.78
CA THR B 4 4.84 9.29 -0.73
C THR B 4 5.02 8.43 0.53
N PRO B 5 6.15 8.53 1.21
CA PRO B 5 6.34 7.79 2.46
C PRO B 5 5.33 8.19 3.52
N LYS B 6 4.87 7.20 4.29
CA LYS B 6 4.13 7.46 5.51
C LYS B 6 5.08 7.33 6.69
N ILE B 7 5.43 8.45 7.30
CA ILE B 7 6.53 8.50 8.26
C ILE B 7 5.95 8.67 9.65
N GLN B 8 6.36 7.78 10.58
CA GLN B 8 5.98 7.87 11.98
C GLN B 8 7.24 7.92 12.83
N VAL B 9 7.32 8.91 13.71
CA VAL B 9 8.41 9.01 14.66
C VAL B 9 7.83 8.86 16.07
N TYR B 10 8.30 7.86 16.79
CA TYR B 10 7.72 7.50 18.08
C TYR B 10 8.77 6.75 18.88
N SER B 11 8.37 6.26 20.05
CA SER B 11 9.27 5.61 20.99
C SER B 11 8.78 4.21 21.29
N ARG B 12 9.70 3.35 21.71
CA ARG B 12 9.35 1.97 22.06
C ARG B 12 8.37 1.94 23.24
N HIS B 13 8.58 2.79 24.22
CA HIS B 13 7.74 2.91 25.41
C HIS B 13 7.31 4.36 25.52
N PRO B 14 6.26 4.66 26.27
CA PRO B 14 5.92 6.06 26.54
C PRO B 14 7.11 6.78 27.16
N ALA B 15 7.39 7.97 26.66
CA ALA B 15 8.61 8.68 27.02
C ALA B 15 8.60 9.08 28.48
N GLU B 16 9.67 8.76 29.19
CA GLU B 16 9.84 9.17 30.58
C GLU B 16 11.16 9.91 30.71
N ASN B 17 11.14 10.99 31.49
CA ASN B 17 12.30 11.86 31.61
C ASN B 17 13.52 11.09 32.10
N GLY B 18 14.51 10.93 31.22
CA GLY B 18 15.74 10.26 31.56
C GLY B 18 15.72 8.76 31.38
N LYS B 19 14.55 8.15 31.23
CA LYS B 19 14.48 6.70 31.11
C LYS B 19 14.91 6.25 29.72
N SER B 20 15.69 5.18 29.67
CA SER B 20 16.19 4.68 28.39
C SER B 20 15.03 4.22 27.51
N ASN B 21 15.17 4.44 26.21
CA ASN B 21 14.13 4.12 25.24
C ASN B 21 14.78 4.02 23.87
N PHE B 22 13.96 3.80 22.86
CA PHE B 22 14.43 3.70 21.48
C PHE B 22 13.58 4.58 20.58
N LEU B 23 14.21 5.42 19.77
CA LEU B 23 13.49 6.30 18.86
C LEU B 23 13.26 5.59 17.54
N ASN B 24 12.02 5.23 17.27
CA ASN B 24 11.66 4.49 16.08
C ASN B 24 11.15 5.48 15.05
N CYS B 25 11.67 5.40 13.83
CA CYS B 25 11.16 6.19 12.72
C CYS B 25 10.65 5.19 11.69
N TYR B 26 9.41 4.77 11.87
CA TYR B 26 8.77 3.81 10.98
C TYR B 26 8.36 4.53 9.70
N VAL B 27 9.21 4.45 8.68
CA VAL B 27 8.96 5.06 7.38
C VAL B 27 8.40 3.98 6.47
N SER B 28 7.11 4.05 6.18
CA SER B 28 6.45 3.00 5.44
C SER B 28 5.68 3.61 4.27
N GLY B 29 5.26 2.75 3.35
CA GLY B 29 4.41 3.17 2.27
C GLY B 29 5.13 3.74 1.07
N PHE B 30 6.44 3.93 1.18
CA PHE B 30 7.17 4.66 0.15
C PHE B 30 7.56 3.74 -1.00
N CYS B 31 7.74 4.36 -2.17
CA CYS B 31 8.13 3.67 -3.39
C CYS B 31 8.66 4.69 -4.37
N PRO B 32 9.82 4.45 -5.02
CA PRO B 32 10.68 3.25 -4.98
C PRO B 32 11.48 3.10 -3.69
N SER B 33 12.24 2.02 -3.58
CA SER B 33 12.96 1.68 -2.36
C SER B 33 14.12 2.62 -2.08
N ASP B 34 14.55 3.42 -3.04
CA ASP B 34 15.66 4.35 -2.81
C ASP B 34 15.19 5.47 -1.90
N ILE B 35 15.71 5.52 -0.68
CA ILE B 35 15.25 6.45 0.33
C ILE B 35 16.41 6.80 1.24
N GLU B 36 16.45 8.06 1.71
CA GLU B 36 17.46 8.51 2.65
C GLU B 36 16.75 8.91 3.95
N VAL B 37 17.09 8.22 5.03
CA VAL B 37 16.46 8.44 6.33
C VAL B 37 17.54 8.81 7.33
N ASP B 38 17.33 9.90 8.07
CA ASP B 38 18.23 10.34 9.12
C ASP B 38 17.42 10.61 10.38
N LEU B 39 17.94 10.19 11.52
CA LEU B 39 17.31 10.52 12.79
C LEU B 39 17.98 11.76 13.36
N LEU B 40 17.19 12.80 13.58
CA LEU B 40 17.73 14.13 13.91
C LEU B 40 17.58 14.38 15.41
N LYS B 41 18.70 14.72 16.04
CA LYS B 41 18.71 15.15 17.43
C LYS B 41 19.01 16.65 17.46
N ASN B 42 17.99 17.45 17.78
CA ASN B 42 18.09 18.90 17.78
C ASN B 42 18.63 19.42 16.44
N GLY B 43 18.10 18.89 15.35
CA GLY B 43 18.43 19.37 14.03
C GLY B 43 19.67 18.79 13.40
N GLU B 44 20.42 17.95 14.10
CA GLU B 44 21.65 17.37 13.58
C GLU B 44 21.57 15.85 13.61
N ARG B 45 22.22 15.23 12.62
CA ARG B 45 22.12 13.79 12.44
C ARG B 45 22.76 13.05 13.61
N ILE B 46 22.08 12.00 14.08
CA ILE B 46 22.66 11.12 15.10
C ILE B 46 23.59 10.13 14.42
N GLU B 47 24.77 9.93 15.01
CA GLU B 47 25.76 9.06 14.39
C GLU B 47 25.40 7.60 14.59
N LYS B 48 25.35 7.15 15.84
CA LYS B 48 25.10 5.75 16.14
C LYS B 48 23.62 5.41 15.96
N VAL B 49 23.20 5.17 14.72
CA VAL B 49 21.82 4.82 14.43
C VAL B 49 21.78 3.46 13.73
N GLU B 50 20.98 2.55 14.27
CA GLU B 50 20.74 1.26 13.65
C GLU B 50 19.47 1.31 12.83
N HIS B 51 19.31 0.32 11.95
CA HIS B 51 18.12 0.26 11.13
C HIS B 51 17.91 -1.16 10.63
N SER B 52 16.66 -1.62 10.67
CA SER B 52 16.31 -2.86 10.02
C SER B 52 16.42 -2.67 8.51
N ASP B 53 16.98 -3.65 7.83
CA ASP B 53 17.20 -3.53 6.40
C ASP B 53 15.86 -3.46 5.66
N LEU B 54 15.94 -3.19 4.36
CA LEU B 54 14.75 -2.95 3.55
C LEU B 54 13.72 -4.04 3.76
N SER B 55 12.54 -3.65 4.25
CA SER B 55 11.44 -4.55 4.48
C SER B 55 10.35 -4.31 3.44
N PHE B 56 9.61 -5.37 3.13
CA PHE B 56 8.71 -5.38 1.98
C PHE B 56 7.29 -5.65 2.44
N SER B 57 6.41 -4.67 2.26
CA SER B 57 5.02 -4.79 2.65
C SER B 57 4.20 -5.43 1.53
N LYS B 58 2.99 -5.87 1.88
CA LYS B 58 2.08 -6.41 0.90
C LYS B 58 1.62 -5.37 -0.10
N ASP B 59 1.51 -4.11 0.33
CA ASP B 59 0.96 -3.03 -0.47
C ASP B 59 1.85 -2.66 -1.64
N TRP B 60 2.92 -3.43 -1.86
CA TRP B 60 4.01 -3.11 -2.77
C TRP B 60 4.82 -1.94 -2.26
N SER B 61 4.73 -1.61 -0.98
CA SER B 61 5.52 -0.55 -0.40
C SER B 61 6.71 -1.13 0.34
N PHE B 62 7.65 -0.27 0.66
CA PHE B 62 8.78 -0.64 1.49
C PHE B 62 8.69 0.10 2.81
N TYR B 63 9.19 -0.54 3.86
CA TYR B 63 9.21 0.11 5.16
C TYR B 63 10.53 -0.17 5.86
N LEU B 64 10.98 0.84 6.61
CA LEU B 64 12.24 0.79 7.33
C LEU B 64 12.00 1.31 8.74
N LEU B 65 12.69 0.75 9.70
CA LEU B 65 12.59 1.20 11.10
C LEU B 65 13.98 1.57 11.57
N TYR B 66 14.28 2.87 11.58
CA TYR B 66 15.52 3.36 12.15
C TYR B 66 15.33 3.58 13.64
N TYR B 67 16.19 2.97 14.44
CA TYR B 67 16.07 3.10 15.89
C TYR B 67 17.42 3.48 16.47
N THR B 68 17.37 4.14 17.63
CA THR B 68 18.55 4.51 18.37
C THR B 68 18.17 4.71 19.83
N GLU B 69 19.06 4.29 20.72
CA GLU B 69 18.82 4.47 22.15
C GLU B 69 18.89 5.94 22.51
N PHE B 70 17.91 6.43 23.25
CA PHE B 70 17.88 7.84 23.63
C PHE B 70 17.24 7.95 25.00
N THR B 71 17.50 9.07 25.66
CA THR B 71 16.77 9.44 26.85
C THR B 71 15.95 10.68 26.56
N PRO B 72 14.62 10.62 26.65
CA PRO B 72 13.81 11.76 26.24
C PRO B 72 13.92 12.94 27.19
N THR B 73 14.65 13.96 26.77
CA THR B 73 14.77 15.17 27.58
C THR B 73 13.64 16.14 27.23
N GLU B 74 13.21 16.90 28.24
CA GLU B 74 12.15 17.88 28.07
C GLU B 74 12.60 19.08 27.26
N LYS B 75 13.86 19.50 27.42
CA LYS B 75 14.37 20.69 26.76
C LYS B 75 14.96 20.40 25.39
N ASP B 76 14.95 19.14 24.94
CA ASP B 76 15.54 18.77 23.68
C ASP B 76 14.51 17.93 22.92
N GLU B 77 14.57 18.01 21.59
CA GLU B 77 13.55 17.38 20.76
C GLU B 77 14.20 16.59 19.64
N TYR B 78 13.43 15.66 19.09
CA TYR B 78 13.90 14.73 18.06
C TYR B 78 13.03 14.84 16.82
N ALA B 79 13.57 14.36 15.71
CA ALA B 79 12.87 14.39 14.42
C ALA B 79 13.46 13.31 13.52
N CYS B 80 12.99 13.26 12.29
CA CYS B 80 13.40 12.22 11.36
C CYS B 80 13.33 12.77 9.94
N ARG B 81 14.47 13.16 9.39
CA ARG B 81 14.53 13.68 8.04
C ARG B 81 14.41 12.54 7.03
N VAL B 82 13.55 12.71 6.04
CA VAL B 82 13.34 11.73 4.99
C VAL B 82 13.46 12.42 3.64
N ASN B 83 14.15 11.78 2.71
CA ASN B 83 14.53 12.42 1.44
C ASN B 83 14.20 11.50 0.26
N HIS B 84 12.98 10.98 0.24
CA HIS B 84 12.54 10.14 -0.85
C HIS B 84 12.39 10.95 -2.14
N VAL B 85 12.24 10.24 -3.25
CA VAL B 85 12.21 10.91 -4.56
C VAL B 85 10.93 11.74 -4.72
N THR B 86 9.81 11.26 -4.19
CA THR B 86 8.56 12.02 -4.29
C THR B 86 8.62 13.31 -3.50
N LEU B 87 9.58 13.44 -2.60
CA LEU B 87 9.72 14.62 -1.75
C LEU B 87 10.60 15.63 -2.46
N SER B 88 9.95 16.59 -3.12
CA SER B 88 10.68 17.68 -3.74
C SER B 88 11.48 18.45 -2.70
N GLN B 89 10.97 18.55 -1.49
CA GLN B 89 11.69 19.07 -0.34
C GLN B 89 11.81 17.98 0.70
N PRO B 90 12.98 17.78 1.30
CA PRO B 90 13.12 16.75 2.34
C PRO B 90 12.15 17.00 3.49
N LYS B 91 11.45 15.95 3.91
CA LYS B 91 10.40 16.06 4.91
C LYS B 91 10.96 15.66 6.26
N ILE B 92 10.89 16.58 7.21
CA ILE B 92 11.33 16.33 8.58
C ILE B 92 10.07 16.17 9.43
N VAL B 93 9.89 14.99 9.99
CA VAL B 93 8.70 14.65 10.76
C VAL B 93 9.04 14.75 12.23
N LYS B 94 8.34 15.65 12.93
CA LYS B 94 8.58 15.89 14.34
C LYS B 94 8.25 14.66 15.17
N TRP B 95 8.90 14.53 16.31
CA TRP B 95 8.56 13.48 17.26
C TRP B 95 7.83 14.12 18.44
N ASP B 96 6.50 14.07 18.39
CA ASP B 96 5.71 14.33 19.58
C ASP B 96 5.49 13.00 20.30
N ARG B 97 5.42 13.08 21.63
CA ARG B 97 5.36 11.88 22.46
C ARG B 97 4.12 11.04 22.14
N ASP B 98 3.12 11.65 21.53
CA ASP B 98 1.85 10.98 21.28
C ASP B 98 1.69 10.56 19.82
N VAL C 15 -5.74 3.66 -40.08
CA VAL C 15 -4.30 3.43 -40.00
C VAL C 15 -3.73 3.97 -38.70
N LEU C 16 -3.34 3.05 -37.81
CA LEU C 16 -2.80 3.41 -36.50
C LEU C 16 -1.40 2.84 -36.40
N ASP C 17 -0.44 3.71 -36.06
CA ASP C 17 0.93 3.26 -35.81
C ASP C 17 0.95 2.39 -34.56
N CYS C 18 1.73 1.31 -34.59
CA CYS C 18 1.69 0.33 -33.52
C CYS C 18 3.03 -0.38 -33.40
N PHE C 19 3.26 -0.98 -32.23
CA PHE C 19 4.42 -1.81 -31.98
C PHE C 19 3.94 -3.23 -31.68
N LEU C 20 4.43 -4.19 -32.44
CA LEU C 20 4.01 -5.58 -32.33
C LEU C 20 5.02 -6.34 -31.49
N VAL C 21 4.53 -7.17 -30.58
CA VAL C 21 5.39 -8.00 -29.75
C VAL C 21 5.41 -9.43 -30.26
N ARG C 36 8.89 -8.30 -31.39
CA ARG C 36 9.29 -7.01 -30.85
C ARG C 36 9.58 -6.01 -31.96
N ALA C 37 8.84 -6.12 -33.05
CA ALA C 37 9.04 -5.27 -34.20
C ALA C 37 8.08 -4.09 -34.18
N ARG C 38 8.18 -3.24 -35.20
CA ARG C 38 7.28 -2.12 -35.41
C ARG C 38 6.45 -2.40 -36.65
N ALA C 39 5.14 -2.19 -36.55
CA ALA C 39 4.23 -2.50 -37.65
C ALA C 39 3.08 -1.48 -37.60
N SER C 40 1.99 -1.79 -38.30
CA SER C 40 0.85 -0.89 -38.35
C SER C 40 -0.43 -1.71 -38.46
N LEU C 41 -1.53 -1.07 -38.05
CA LEU C 41 -2.85 -1.69 -38.12
C LEU C 41 -3.75 -0.80 -38.96
N VAL C 42 -4.40 -1.38 -39.96
CA VAL C 42 -5.30 -0.63 -40.83
C VAL C 42 -6.74 -0.76 -40.33
N LEU C 65 2.22 -4.56 -42.02
CA LEU C 65 0.85 -4.10 -42.20
C LEU C 65 -0.13 -5.25 -42.09
N ALA C 66 -1.14 -5.07 -41.24
CA ALA C 66 -2.20 -6.06 -41.08
C ALA C 66 -3.53 -5.35 -41.19
N GLN C 67 -4.46 -5.94 -41.96
CA GLN C 67 -5.74 -5.30 -42.22
C GLN C 67 -6.87 -6.29 -42.05
N ASP C 68 -7.90 -5.88 -41.31
CA ASP C 68 -9.17 -6.60 -41.21
C ASP C 68 -10.27 -5.58 -41.00
N ASP C 69 -11.36 -5.75 -41.74
CA ASP C 69 -12.38 -4.71 -41.81
C ASP C 69 -13.12 -4.58 -40.48
N PRO C 70 -13.14 -3.39 -39.88
CA PRO C 70 -13.92 -3.18 -38.66
C PRO C 70 -15.42 -3.26 -38.87
N PRO C 71 -16.00 -2.60 -39.88
CA PRO C 71 -17.43 -2.27 -39.80
C PRO C 71 -18.35 -3.48 -39.72
N ILE C 72 -17.84 -4.70 -39.84
CA ILE C 72 -18.67 -5.87 -39.54
C ILE C 72 -19.07 -5.87 -38.07
N ILE C 73 -18.14 -5.54 -37.18
CA ILE C 73 -18.39 -5.42 -35.74
C ILE C 73 -18.25 -3.95 -35.39
N PHE C 74 -19.32 -3.34 -34.91
CA PHE C 74 -19.39 -1.89 -34.80
C PHE C 74 -18.43 -1.37 -33.73
N GLU C 75 -17.89 -0.18 -34.00
CA GLU C 75 -17.15 0.55 -32.98
C GLU C 75 -18.10 1.38 -32.14
N ALA C 76 -17.72 1.63 -30.88
CA ALA C 76 -18.46 2.59 -30.08
C ALA C 76 -18.18 4.03 -30.51
N SER C 77 -17.00 4.27 -31.05
CA SER C 77 -16.59 5.56 -31.58
C SER C 77 -15.22 5.39 -32.25
N VAL C 78 -14.85 6.38 -33.05
CA VAL C 78 -13.55 6.40 -33.70
C VAL C 78 -12.90 7.74 -33.45
N ASP C 79 -11.63 7.72 -33.07
CA ASP C 79 -10.85 8.93 -32.79
C ASP C 79 -9.56 8.85 -33.59
N LEU C 80 -9.53 9.51 -34.74
CA LEU C 80 -8.38 9.49 -35.62
C LEU C 80 -8.29 10.77 -36.45
N GLU C 98 -1.30 12.74 -29.04
CA GLU C 98 -0.45 11.59 -29.31
C GLU C 98 -1.10 10.30 -28.80
N VAL C 99 -1.05 9.26 -29.63
CA VAL C 99 -1.64 7.97 -29.32
C VAL C 99 -0.56 6.91 -29.32
N THR C 100 -0.75 5.86 -28.54
CA THR C 100 0.15 4.72 -28.49
C THR C 100 -0.63 3.44 -28.71
N CYS C 101 0.07 2.42 -29.19
CA CYS C 101 -0.58 1.21 -29.65
C CYS C 101 0.38 0.04 -29.49
N GLU C 102 -0.18 -1.13 -29.14
CA GLU C 102 0.60 -2.36 -29.02
C GLU C 102 -0.27 -3.53 -29.46
N ILE C 103 0.26 -4.35 -30.37
CA ILE C 103 -0.42 -5.56 -30.82
C ILE C 103 0.23 -6.75 -30.14
N PHE C 104 -0.56 -7.79 -29.88
CA PHE C 104 -0.06 -9.03 -29.30
C PHE C 104 -0.66 -10.20 -30.06
N ARG C 105 -0.18 -11.39 -29.72
CA ARG C 105 -0.66 -12.61 -30.37
C ARG C 105 -1.91 -13.14 -29.69
N PHE C 121 -4.83 -12.48 -32.60
CA PHE C 121 -4.19 -11.18 -32.40
C PHE C 121 -5.08 -10.24 -31.61
N MET C 122 -4.48 -9.48 -30.70
CA MET C 122 -5.18 -8.43 -29.98
C MET C 122 -4.33 -7.18 -29.96
N ALA C 123 -4.96 -6.03 -30.22
CA ALA C 123 -4.27 -4.74 -30.23
C ALA C 123 -4.88 -3.82 -29.19
N ASN C 124 -4.03 -3.14 -28.44
CA ASN C 124 -4.48 -2.11 -27.51
C ASN C 124 -4.22 -0.74 -28.12
N VAL C 125 -5.27 0.08 -28.19
CA VAL C 125 -5.19 1.45 -28.64
C VAL C 125 -5.32 2.35 -27.42
N GLN C 126 -4.40 3.31 -27.29
CA GLN C 126 -4.31 4.11 -26.07
C GLN C 126 -4.02 5.57 -26.44
N VAL C 127 -5.09 6.36 -26.54
CA VAL C 127 -4.95 7.81 -26.66
C VAL C 127 -4.76 8.36 -25.25
N SER C 128 -4.37 9.63 -25.14
CA SER C 128 -4.30 10.27 -23.83
C SER C 128 -5.66 10.34 -23.16
N GLY C 129 -6.74 10.35 -23.94
CA GLY C 129 -8.09 10.29 -23.39
C GLY C 129 -8.60 8.87 -23.32
N GLY C 130 -9.61 8.55 -24.12
CA GLY C 130 -10.11 7.20 -24.17
C GLY C 130 -9.26 6.30 -25.06
N GLY C 131 -9.38 5.00 -24.82
CA GLY C 131 -8.64 4.02 -25.60
C GLY C 131 -9.22 2.63 -25.51
N PRO C 132 -9.44 2.01 -26.65
CA PRO C 132 -10.06 0.68 -26.67
C PRO C 132 -9.05 -0.45 -26.60
N SER C 133 -9.58 -1.66 -26.57
CA SER C 133 -8.80 -2.90 -26.69
C SER C 133 -9.47 -3.74 -27.77
N ILE C 134 -8.72 -4.07 -28.82
CA ILE C 134 -9.28 -4.67 -30.02
C ILE C 134 -8.66 -6.03 -30.25
N SER C 135 -9.49 -7.04 -30.44
CA SER C 135 -9.05 -8.40 -30.71
C SER C 135 -9.46 -8.81 -32.10
N LEU C 136 -8.49 -9.30 -32.88
CA LEU C 136 -8.74 -9.75 -34.24
C LEU C 136 -8.99 -11.25 -34.23
N VAL C 168 -11.58 -7.82 -37.62
CA VAL C 168 -11.95 -7.70 -36.21
C VAL C 168 -13.05 -8.69 -35.88
N GLU C 169 -13.10 -9.13 -34.64
CA GLU C 169 -14.17 -10.00 -34.17
C GLU C 169 -14.76 -9.49 -32.85
N PHE C 170 -13.94 -8.83 -32.05
CA PHE C 170 -14.34 -8.39 -30.73
C PHE C 170 -13.51 -7.16 -30.36
N GLN C 171 -14.15 -6.20 -29.68
CA GLN C 171 -13.45 -5.03 -29.19
C GLN C 171 -14.09 -4.58 -27.88
N VAL C 172 -13.28 -3.96 -27.03
CA VAL C 172 -13.74 -3.41 -25.76
C VAL C 172 -13.35 -1.94 -25.71
N MET C 173 -14.29 -1.09 -25.30
CA MET C 173 -14.17 0.35 -25.45
C MET C 173 -14.35 1.06 -24.12
N THR C 174 -13.54 2.09 -23.88
CA THR C 174 -13.73 2.99 -22.76
C THR C 174 -13.37 4.40 -23.21
N GLN C 175 -14.14 5.39 -22.74
CA GLN C 175 -13.92 6.77 -23.11
C GLN C 175 -12.95 7.49 -22.19
N THR C 176 -12.50 6.85 -21.12
CA THR C 176 -11.52 7.44 -20.22
C THR C 176 -10.84 6.33 -19.43
N GLN C 177 -9.52 6.36 -19.42
CA GLN C 177 -8.73 5.38 -18.68
C GLN C 177 -8.44 5.82 -17.25
N SER C 178 -8.65 7.09 -16.94
CA SER C 178 -8.44 7.61 -15.59
C SER C 178 -9.62 8.49 -15.22
N LEU C 179 -10.04 8.40 -13.96
CA LEU C 179 -11.17 9.19 -13.48
C LEU C 179 -10.88 9.66 -12.06
N SER C 180 -10.89 10.97 -11.87
CA SER C 180 -10.70 11.58 -10.57
C SER C 180 -12.06 12.04 -10.05
N PHE C 181 -12.53 11.38 -8.99
CA PHE C 181 -13.85 11.65 -8.44
C PHE C 181 -13.73 11.88 -6.94
N LEU C 182 -14.42 12.89 -6.45
CA LEU C 182 -14.45 13.17 -5.02
C LEU C 182 -15.23 12.08 -4.29
N LEU C 183 -14.98 11.96 -3.00
CA LEU C 183 -15.70 10.96 -2.20
C LEU C 183 -17.18 11.32 -2.11
N GLY C 184 -18.00 10.29 -2.00
CA GLY C 184 -19.44 10.46 -1.93
C GLY C 184 -20.10 10.48 -3.29
N SER C 185 -19.39 10.99 -4.29
CA SER C 185 -19.94 11.11 -5.63
C SER C 185 -20.14 9.73 -6.26
N SER C 186 -21.12 9.65 -7.15
CA SER C 186 -21.43 8.43 -7.87
C SER C 186 -20.59 8.36 -9.13
N ALA C 187 -19.91 7.24 -9.34
CA ALA C 187 -18.99 7.06 -10.45
C ALA C 187 -19.65 6.21 -11.51
N SER C 188 -19.83 6.78 -12.70
CA SER C 188 -20.34 6.03 -13.84
C SER C 188 -19.16 5.56 -14.68
N LEU C 189 -18.39 4.65 -14.09
CA LEU C 189 -17.24 4.08 -14.79
C LEU C 189 -17.69 3.45 -16.09
N ASP C 190 -17.02 3.82 -17.18
CA ASP C 190 -17.50 3.45 -18.51
C ASP C 190 -16.72 2.26 -19.02
N CYS C 191 -17.39 1.40 -19.77
CA CYS C 191 -16.80 0.26 -20.44
C CYS C 191 -17.84 -0.29 -21.40
N GLY C 192 -17.40 -0.70 -22.58
CA GLY C 192 -18.33 -1.14 -23.60
C GLY C 192 -17.64 -2.04 -24.60
N PHE C 193 -18.46 -2.88 -25.24
CA PHE C 193 -17.93 -3.89 -26.14
C PHE C 193 -18.94 -4.17 -27.23
N SER C 194 -18.46 -4.84 -28.28
CA SER C 194 -19.32 -5.20 -29.40
C SER C 194 -18.83 -6.52 -29.99
N MET C 195 -19.76 -7.28 -30.57
CA MET C 195 -19.44 -8.58 -31.14
C MET C 195 -20.39 -8.93 -32.26
N LEU C 201 -21.20 -13.83 -25.72
CA LEU C 201 -21.02 -13.29 -24.38
C LEU C 201 -21.32 -14.36 -23.34
N ILE C 202 -20.52 -14.38 -22.28
CA ILE C 202 -20.69 -15.30 -21.16
C ILE C 202 -20.90 -14.56 -19.84
N SER C 203 -20.04 -13.59 -19.54
CA SER C 203 -20.13 -12.89 -18.27
C SER C 203 -19.41 -11.55 -18.37
N VAL C 204 -19.74 -10.67 -17.43
CA VAL C 204 -19.07 -9.38 -17.27
C VAL C 204 -18.74 -9.20 -15.79
N GLU C 205 -17.45 -9.05 -15.49
CA GLU C 205 -17.02 -8.92 -14.10
C GLU C 205 -16.23 -7.64 -13.95
N TRP C 206 -16.46 -6.92 -12.87
CA TRP C 206 -15.69 -5.74 -12.51
C TRP C 206 -14.91 -6.02 -11.24
N ARG C 207 -13.60 -5.85 -11.29
CA ARG C 207 -12.73 -6.12 -10.15
C ARG C 207 -11.96 -4.87 -9.79
N LEU C 208 -11.42 -4.87 -8.58
CA LEU C 208 -10.63 -3.76 -8.07
C LEU C 208 -9.27 -4.28 -7.61
N GLN C 209 -8.21 -3.69 -8.13
CA GLN C 209 -6.85 -4.01 -7.71
C GLN C 209 -6.18 -2.74 -7.19
N HIS C 210 -5.78 -2.76 -5.92
CA HIS C 210 -5.14 -1.61 -5.32
C HIS C 210 -4.35 -2.05 -4.10
N LEU C 211 -3.08 -1.65 -4.04
CA LEU C 211 -2.21 -1.94 -2.90
C LEU C 211 -2.08 -3.45 -2.67
N GLY C 212 -1.92 -4.18 -3.77
CA GLY C 212 -1.72 -5.61 -3.67
C GLY C 212 -2.93 -6.42 -3.32
N ARG C 213 -4.10 -5.79 -3.17
CA ARG C 213 -5.33 -6.45 -2.78
C ARG C 213 -6.29 -6.47 -3.96
N GLY C 214 -6.77 -7.66 -4.32
CA GLY C 214 -7.69 -7.83 -5.41
C GLY C 214 -9.07 -8.20 -4.91
N GLN C 215 -10.03 -7.31 -5.14
CA GLN C 215 -11.39 -7.47 -4.67
C GLN C 215 -12.34 -7.57 -5.85
N LEU C 216 -13.43 -8.31 -5.67
CA LEU C 216 -14.51 -8.28 -6.63
C LEU C 216 -15.47 -7.14 -6.30
N VAL C 217 -15.97 -6.48 -7.34
CA VAL C 217 -16.89 -5.36 -7.18
C VAL C 217 -18.26 -5.68 -7.75
N TYR C 218 -18.33 -6.35 -8.89
CA TYR C 218 -19.60 -6.67 -9.50
C TYR C 218 -19.42 -7.86 -10.44
N SER C 219 -20.53 -8.49 -10.79
CA SER C 219 -20.52 -9.60 -11.72
C SER C 219 -21.86 -9.69 -12.41
N TRP C 220 -21.88 -10.28 -13.60
CA TRP C 220 -23.10 -10.54 -14.34
C TRP C 220 -22.95 -11.87 -15.07
N THR C 221 -24.03 -12.66 -15.06
CA THR C 221 -24.04 -13.92 -15.80
C THR C 221 -25.50 -14.31 -16.04
N ALA C 222 -25.72 -15.03 -17.14
CA ALA C 222 -27.05 -15.50 -17.53
C ALA C 222 -28.06 -14.36 -17.57
N GLY C 225 -27.24 -10.16 -11.97
CA GLY C 225 -26.16 -9.37 -11.39
C GLY C 225 -25.91 -9.66 -9.93
N GLN C 226 -24.64 -9.56 -9.52
CA GLN C 226 -24.24 -9.82 -8.15
C GLN C 226 -23.31 -8.69 -7.72
N ALA C 227 -23.86 -7.70 -7.04
CA ALA C 227 -23.09 -6.57 -6.57
C ALA C 227 -22.40 -6.92 -5.26
N VAL C 228 -21.09 -7.14 -5.30
CA VAL C 228 -20.32 -7.41 -4.10
C VAL C 228 -20.34 -6.22 -3.15
N ARG C 229 -20.16 -5.01 -3.66
CA ARG C 229 -20.46 -3.79 -2.92
C ARG C 229 -21.92 -3.45 -3.19
N LYS C 230 -22.64 -3.10 -2.12
CA LYS C 230 -24.11 -3.17 -2.14
C LYS C 230 -24.72 -2.35 -3.28
N GLY C 231 -24.15 -1.19 -3.58
CA GLY C 231 -24.76 -0.28 -4.53
C GLY C 231 -24.35 -0.43 -5.98
N ALA C 232 -23.47 -1.38 -6.29
CA ALA C 232 -22.95 -1.50 -7.65
C ALA C 232 -24.08 -1.73 -8.64
N THR C 233 -24.11 -0.90 -9.69
CA THR C 233 -25.15 -0.97 -10.72
C THR C 233 -24.47 -1.03 -12.07
N LEU C 234 -24.87 -1.98 -12.90
CA LEU C 234 -24.30 -2.13 -14.23
C LEU C 234 -25.30 -1.74 -15.32
N ALA C 242 -22.59 -3.04 -29.96
CA ALA C 242 -22.84 -1.73 -29.35
C ALA C 242 -23.42 -1.89 -27.95
N ARG C 243 -23.02 -2.96 -27.26
CA ARG C 243 -23.50 -3.21 -25.92
C ARG C 243 -22.77 -2.32 -24.92
N ASP C 244 -23.38 -2.14 -23.76
CA ASP C 244 -22.87 -1.25 -22.74
C ASP C 244 -22.58 -2.03 -21.47
N ALA C 245 -21.45 -1.71 -20.82
CA ALA C 245 -21.10 -2.27 -19.52
C ALA C 245 -20.69 -1.17 -18.54
N SER C 246 -21.28 0.02 -18.67
CA SER C 246 -20.88 1.17 -17.87
C SER C 246 -21.37 0.97 -16.44
N LEU C 247 -20.48 0.40 -15.63
CA LEU C 247 -20.81 0.12 -14.24
C LEU C 247 -20.87 1.41 -13.42
N THR C 248 -21.77 1.44 -12.45
CA THR C 248 -21.99 2.60 -11.60
C THR C 248 -21.60 2.29 -10.17
N LEU C 249 -20.82 3.19 -9.56
CA LEU C 249 -20.44 3.06 -8.16
C LEU C 249 -21.03 4.22 -7.37
N PRO C 250 -22.16 4.04 -6.70
CA PRO C 250 -22.70 5.10 -5.85
C PRO C 250 -21.98 5.14 -4.50
N GLY C 251 -21.97 6.32 -3.90
CA GLY C 251 -21.42 6.48 -2.56
C GLY C 251 -19.96 6.12 -2.44
N LEU C 252 -19.11 6.64 -3.33
CA LEU C 252 -17.71 6.23 -3.39
C LEU C 252 -17.01 6.42 -2.05
N THR C 253 -16.13 5.47 -1.73
CA THR C 253 -15.32 5.50 -0.53
C THR C 253 -13.86 5.32 -0.94
N ILE C 254 -12.95 5.61 -0.01
CA ILE C 254 -11.52 5.48 -0.28
C ILE C 254 -11.17 4.06 -0.67
N GLN C 255 -11.81 3.07 -0.05
CA GLN C 255 -11.53 1.68 -0.34
C GLN C 255 -11.88 1.28 -1.76
N ASP C 256 -12.63 2.10 -2.48
CA ASP C 256 -12.95 1.83 -3.89
C ASP C 256 -11.93 2.43 -4.85
N GLU C 257 -10.89 3.10 -4.35
CA GLU C 257 -9.84 3.60 -5.22
C GLU C 257 -9.02 2.43 -5.76
N GLY C 258 -8.58 2.55 -7.00
CA GLY C 258 -7.63 1.61 -7.55
C GLY C 258 -7.93 1.35 -9.01
N THR C 259 -7.32 0.28 -9.51
CA THR C 259 -7.41 -0.07 -10.93
C THR C 259 -8.60 -1.00 -11.12
N TYR C 260 -9.63 -0.50 -11.80
CA TYR C 260 -10.79 -1.31 -12.11
C TYR C 260 -10.60 -2.01 -13.44
N ILE C 261 -10.80 -3.33 -13.44
CA ILE C 261 -10.64 -4.15 -14.62
C ILE C 261 -12.03 -4.60 -15.05
N CYS C 262 -12.53 -4.03 -16.15
CA CYS C 262 -13.83 -4.42 -16.67
C CYS C 262 -13.59 -5.64 -17.57
N GLN C 263 -13.38 -6.78 -16.91
CA GLN C 263 -13.19 -8.02 -17.64
C GLN C 263 -14.47 -8.41 -18.35
N ILE C 264 -14.35 -8.80 -19.61
CA ILE C 264 -15.47 -9.29 -20.41
C ILE C 264 -15.12 -10.68 -20.92
N THR C 265 -16.02 -11.63 -20.75
CA THR C 265 -15.80 -12.99 -21.19
C THR C 265 -16.70 -13.29 -22.38
N THR C 266 -16.23 -14.16 -23.26
CA THR C 266 -16.92 -14.47 -24.51
C THR C 266 -16.50 -15.86 -24.94
N SER C 267 -17.38 -16.52 -25.70
CA SER C 267 -17.16 -17.91 -26.11
C SER C 267 -15.79 -18.15 -26.74
N LEU C 268 -15.11 -17.09 -27.22
CA LEU C 268 -13.78 -17.24 -27.79
C LEU C 268 -12.78 -16.19 -27.32
N TYR C 269 -13.19 -15.24 -26.49
CA TYR C 269 -12.30 -14.16 -26.07
C TYR C 269 -12.58 -13.81 -24.61
N GLN C 270 -11.56 -13.25 -23.96
CA GLN C 270 -11.66 -12.79 -22.57
C GLN C 270 -10.97 -11.45 -22.40
N ALA C 271 -11.19 -10.53 -23.33
CA ALA C 271 -10.53 -9.24 -23.29
C ALA C 271 -11.00 -8.41 -22.10
N GLN C 272 -10.11 -7.54 -21.63
CA GLN C 272 -10.37 -6.71 -20.46
C GLN C 272 -10.18 -5.25 -20.83
N GLN C 273 -10.53 -4.38 -19.89
CA GLN C 273 -10.33 -2.95 -20.01
C GLN C 273 -10.00 -2.38 -18.65
N ILE C 274 -9.05 -1.46 -18.60
CA ILE C 274 -8.51 -0.92 -17.36
C ILE C 274 -9.05 0.48 -17.18
N ILE C 275 -9.65 0.74 -16.02
CA ILE C 275 -10.07 2.08 -15.61
C ILE C 275 -9.44 2.36 -14.26
N GLN C 276 -8.67 3.44 -14.16
CA GLN C 276 -8.01 3.82 -12.93
C GLN C 276 -8.82 4.92 -12.27
N LEU C 277 -9.44 4.59 -11.14
CA LEU C 277 -10.34 5.52 -10.45
C LEU C 277 -9.59 6.15 -9.28
N ASN C 278 -9.06 7.34 -9.50
CA ASN C 278 -8.35 8.08 -8.46
C ASN C 278 -9.35 8.81 -7.58
N ILE C 279 -9.73 8.17 -6.48
CA ILE C 279 -10.61 8.83 -5.52
C ILE C 279 -9.85 9.96 -4.85
N GLN C 280 -10.50 11.11 -4.75
CA GLN C 280 -9.88 12.30 -4.19
C GLN C 280 -10.74 12.84 -3.05
N ALA C 281 -10.08 13.45 -2.08
CA ALA C 281 -10.78 14.10 -0.97
C ALA C 281 -10.09 15.41 -0.66
N SER C 282 -10.82 16.50 -0.77
CA SER C 282 -10.25 17.80 -0.45
C SER C 282 -9.99 17.89 1.06
N PRO C 283 -8.89 18.53 1.45
CA PRO C 283 -8.60 18.65 2.88
C PRO C 283 -9.51 19.68 3.55
N LYS C 284 -9.34 19.81 4.85
CA LYS C 284 -9.93 20.90 5.62
C LYS C 284 -8.85 21.47 6.53
N VAL C 285 -8.32 22.64 6.16
CA VAL C 285 -7.18 23.23 6.85
C VAL C 285 -7.70 24.08 7.99
N ARG C 286 -7.23 23.80 9.19
CA ARG C 286 -7.60 24.55 10.39
C ARG C 286 -6.33 25.10 11.01
N LEU C 287 -5.92 26.28 10.56
CA LEU C 287 -4.79 26.95 11.19
C LEU C 287 -5.13 27.31 12.63
N SER C 288 -4.22 26.96 13.54
CA SER C 288 -4.45 27.16 14.97
C SER C 288 -3.13 27.09 15.69
N LEU C 289 -3.18 27.27 17.01
CA LEU C 289 -1.99 27.18 17.83
C LEU C 289 -2.06 25.99 18.79
N PRO C 296 4.57 28.60 21.62
CA PRO C 296 4.70 29.52 20.47
C PRO C 296 4.74 28.77 19.14
N THR C 297 3.93 27.72 19.01
CA THR C 297 3.96 26.84 17.86
C THR C 297 2.66 26.99 17.08
N LEU C 298 2.77 27.07 15.75
CA LEU C 298 1.62 27.11 14.88
C LEU C 298 1.36 25.74 14.26
N ILE C 299 0.10 25.33 14.26
CA ILE C 299 -0.30 24.03 13.75
C ILE C 299 -1.50 24.21 12.83
N CYS C 300 -1.41 23.67 11.62
CA CYS C 300 -2.58 23.58 10.74
C CYS C 300 -2.90 22.11 10.53
N ASP C 301 -4.08 21.70 10.98
CA ASP C 301 -4.51 20.31 10.87
C ASP C 301 -5.10 20.07 9.48
N ILE C 302 -4.32 19.49 8.59
CA ILE C 302 -4.78 19.21 7.23
C ILE C 302 -5.41 17.82 7.28
N ALA C 303 -6.69 17.79 7.64
CA ALA C 303 -7.37 16.53 7.87
C ALA C 303 -8.32 16.20 6.73
N GLY C 304 -8.50 14.90 6.48
CA GLY C 304 -9.47 14.44 5.52
C GLY C 304 -9.01 14.43 4.09
N TYR C 305 -7.73 14.66 3.83
CA TYR C 305 -7.25 14.73 2.46
C TYR C 305 -6.91 13.33 1.93
N TYR C 306 -6.94 13.21 0.61
CA TYR C 306 -6.62 11.96 -0.06
C TYR C 306 -6.47 12.24 -1.54
N PRO C 307 -5.46 11.68 -2.22
CA PRO C 307 -4.41 10.78 -1.71
C PRO C 307 -3.35 11.47 -0.84
N LEU C 308 -2.21 10.83 -0.66
CA LEU C 308 -1.30 11.20 0.42
C LEU C 308 -0.52 12.47 0.11
N ASP C 309 -0.12 12.68 -1.14
CA ASP C 309 0.86 13.72 -1.47
C ASP C 309 0.24 15.11 -1.35
N VAL C 310 0.21 15.62 -0.13
CA VAL C 310 -0.17 16.99 0.13
C VAL C 310 1.09 17.82 0.38
N VAL C 311 1.22 18.92 -0.34
CA VAL C 311 2.36 19.82 -0.19
C VAL C 311 1.88 21.07 0.54
N VAL C 312 2.52 21.36 1.67
CA VAL C 312 2.12 22.45 2.55
C VAL C 312 3.17 23.55 2.44
N THR C 313 2.73 24.73 1.99
CA THR C 313 3.60 25.89 1.87
C THR C 313 3.16 26.94 2.89
N TRP C 314 4.11 27.46 3.66
CA TRP C 314 3.82 28.42 4.70
C TRP C 314 4.21 29.81 4.23
N THR C 315 3.27 30.75 4.29
CA THR C 315 3.49 32.10 3.81
C THR C 315 3.30 33.08 4.96
N ARG C 316 4.19 34.07 5.04
CA ARG C 316 4.21 35.05 6.12
C ARG C 316 4.16 36.46 5.55
N GLU C 317 3.36 37.31 6.18
CA GLU C 317 3.25 38.70 5.74
C GLU C 317 3.23 39.66 6.93
N SER C 322 4.50 41.71 2.77
CA SER C 322 4.61 40.84 1.61
C SER C 322 4.58 39.38 2.00
N PRO C 323 3.80 38.57 1.26
CA PRO C 323 3.67 37.16 1.62
C PRO C 323 4.87 36.33 1.21
N ALA C 324 5.90 36.32 2.04
CA ALA C 324 7.10 35.53 1.76
C ALA C 324 6.99 34.15 2.39
N GLN C 325 7.47 33.15 1.65
CA GLN C 325 7.40 31.77 2.11
C GLN C 325 8.35 31.55 3.28
N VAL C 326 7.99 30.61 4.15
CA VAL C 326 8.73 30.31 5.37
C VAL C 326 9.19 28.87 5.31
N SER C 327 10.47 28.65 5.61
CA SER C 327 11.01 27.31 5.73
C SER C 327 11.08 26.90 7.19
N GLY C 328 11.32 25.61 7.42
CA GLY C 328 11.46 25.10 8.76
C GLY C 328 10.22 24.47 9.35
N ALA C 329 9.19 24.24 8.56
CA ALA C 329 8.00 23.58 9.06
C ALA C 329 8.17 22.07 9.06
N SER C 330 7.81 21.44 10.18
CA SER C 330 7.99 20.02 10.37
C SER C 330 6.64 19.34 10.48
N PHE C 331 6.44 18.31 9.67
CA PHE C 331 5.18 17.57 9.68
C PHE C 331 5.07 16.73 10.95
N SER C 332 3.85 16.26 11.21
CA SER C 332 3.63 15.30 12.28
C SER C 332 3.46 13.90 11.70
N SER C 333 3.30 12.93 12.59
CA SER C 333 3.07 11.56 12.15
C SER C 333 1.76 11.47 11.39
N LEU C 334 1.77 10.67 10.33
CA LEU C 334 0.57 10.55 9.50
C LEU C 334 -0.53 9.82 10.26
N ARG C 335 -1.75 10.36 10.16
CA ARG C 335 -2.91 9.80 10.83
C ARG C 335 -3.97 9.46 9.79
N GLN C 336 -4.89 8.58 10.18
CA GLN C 336 -5.94 8.13 9.27
C GLN C 336 -7.29 8.17 9.99
N SER C 337 -8.33 8.39 9.21
CA SER C 337 -9.68 8.17 9.70
C SER C 337 -10.15 6.77 9.33
N VAL C 338 -11.30 6.37 9.86
CA VAL C 338 -11.82 5.04 9.57
C VAL C 338 -12.19 4.92 8.10
N ALA C 339 -12.54 6.03 7.45
CA ALA C 339 -12.94 6.00 6.05
C ALA C 339 -11.75 5.87 5.11
N GLY C 340 -10.52 6.06 5.60
CA GLY C 340 -9.34 5.97 4.78
C GLY C 340 -8.73 7.30 4.38
N THR C 341 -9.33 8.41 4.80
CA THR C 341 -8.74 9.72 4.50
C THR C 341 -7.63 10.02 5.50
N TYR C 342 -6.63 10.77 5.04
CA TYR C 342 -5.46 11.02 5.85
C TYR C 342 -5.59 12.33 6.61
N SER C 343 -5.00 12.36 7.79
CA SER C 343 -4.89 13.58 8.59
C SER C 343 -3.43 13.80 8.93
N ILE C 344 -2.95 15.02 8.70
CA ILE C 344 -1.58 15.39 9.02
C ILE C 344 -1.59 16.83 9.48
N SER C 345 -0.57 17.19 10.24
CA SER C 345 -0.44 18.55 10.74
C SER C 345 0.97 19.05 10.47
N SER C 346 1.05 20.24 9.88
CA SER C 346 2.33 20.93 9.70
C SER C 346 2.54 21.87 10.87
N SER C 347 3.67 21.74 11.54
CA SER C 347 3.99 22.57 12.69
C SER C 347 5.08 23.55 12.32
N LEU C 348 4.83 24.83 12.60
CA LEU C 348 5.80 25.88 12.36
C LEU C 348 5.87 26.75 13.60
N THR C 349 7.10 27.09 14.01
CA THR C 349 7.26 27.98 15.15
C THR C 349 6.73 29.36 14.80
N ALA C 350 6.03 29.99 15.74
CA ALA C 350 5.47 31.30 15.51
C ALA C 350 6.38 32.38 16.09
N GLU C 351 6.65 33.40 15.27
CA GLU C 351 7.45 34.54 15.70
C GLU C 351 6.68 35.80 15.29
N PRO C 352 6.87 36.92 16.02
CA PRO C 352 6.22 38.18 15.65
C PRO C 352 6.90 38.88 14.47
N ALA C 357 2.12 39.82 13.55
CA ALA C 357 2.56 39.00 12.42
C ALA C 357 1.47 38.03 12.01
N THR C 358 1.29 37.84 10.71
CA THR C 358 0.29 36.93 10.17
C THR C 358 0.97 35.72 9.55
N TYR C 359 0.20 34.66 9.35
CA TYR C 359 0.69 33.41 8.80
C TYR C 359 -0.39 32.79 7.93
N THR C 360 0.03 31.88 7.05
CA THR C 360 -0.91 31.19 6.18
C THR C 360 -0.40 29.79 5.88
N CYS C 361 -1.16 28.79 6.29
CA CYS C 361 -0.90 27.40 5.92
C CYS C 361 -1.54 27.16 4.57
N GLN C 362 -0.76 27.31 3.50
CA GLN C 362 -1.24 27.20 2.13
C GLN C 362 -1.04 25.77 1.68
N VAL C 363 -2.15 25.03 1.54
CA VAL C 363 -2.12 23.60 1.27
C VAL C 363 -2.60 23.37 -0.15
N THR C 364 -1.76 22.75 -0.96
CA THR C 364 -2.11 22.37 -2.33
C THR C 364 -2.31 20.86 -2.38
N HIS C 365 -3.12 20.41 -3.32
CA HIS C 365 -3.49 19.00 -3.39
C HIS C 365 -3.98 18.70 -4.80
N ILE C 366 -3.95 17.40 -5.16
CA ILE C 366 -4.36 17.01 -6.50
C ILE C 366 -5.85 17.26 -6.72
N SER C 367 -6.63 17.31 -5.64
CA SER C 367 -8.07 17.50 -5.75
C SER C 367 -8.48 18.96 -5.84
N LEU C 368 -7.52 19.88 -5.90
CA LEU C 368 -7.82 21.31 -5.87
C LEU C 368 -7.42 21.96 -7.19
N GLU C 369 -8.34 22.74 -7.75
CA GLU C 369 -7.98 23.59 -8.87
C GLU C 369 -6.99 24.67 -8.46
N GLU C 370 -7.19 25.24 -7.28
CA GLU C 370 -6.33 26.28 -6.72
C GLU C 370 -5.97 25.88 -5.29
N PRO C 371 -4.77 26.22 -4.84
CA PRO C 371 -4.35 25.82 -3.49
C PRO C 371 -5.09 26.58 -2.40
N LEU C 372 -5.95 25.88 -1.66
CA LEU C 372 -6.66 26.48 -0.55
C LEU C 372 -5.73 26.62 0.66
N GLY C 373 -6.30 27.03 1.78
CA GLY C 373 -5.51 27.18 2.98
C GLY C 373 -6.27 27.88 4.07
N ALA C 374 -5.52 28.38 5.05
CA ALA C 374 -6.09 29.09 6.19
C ALA C 374 -5.08 30.12 6.67
N SER C 375 -5.57 31.13 7.38
CA SER C 375 -4.73 32.22 7.85
C SER C 375 -5.19 32.67 9.23
N THR C 376 -4.22 32.95 10.10
CA THR C 376 -4.51 33.52 11.41
C THR C 376 -3.50 34.61 11.74
N LYS D 1 9.77 -22.64 2.84
CA LYS D 1 10.85 -22.77 1.88
C LYS D 1 10.52 -22.07 0.57
N ILE D 2 11.57 -21.67 -0.16
CA ILE D 2 11.39 -21.02 -1.45
C ILE D 2 10.66 -21.96 -2.40
N LEU D 3 10.07 -21.38 -3.45
CA LEU D 3 9.16 -22.14 -4.30
C LEU D 3 9.87 -23.32 -4.95
N GLY D 4 11.12 -23.14 -5.35
CA GLY D 4 11.90 -24.22 -5.91
C GLY D 4 11.89 -24.32 -7.43
N PHE D 5 10.76 -24.73 -8.01
CA PHE D 5 10.73 -24.89 -9.45
C PHE D 5 10.59 -23.55 -10.15
N VAL D 6 10.78 -23.56 -11.46
CA VAL D 6 10.72 -22.36 -12.28
C VAL D 6 9.37 -22.24 -12.96
#